data_8S71
#
_entry.id   8S71
#
_cell.length_a   40.067
_cell.length_b   106.897
_cell.length_c   44.815
_cell.angle_alpha   90.000
_cell.angle_beta   114.099
_cell.angle_gamma   90.000
#
_symmetry.space_group_name_H-M   'P 1 21 1'
#
loop_
_entity.id
_entity.type
_entity.pdbx_description
1 polymer 'Mucin-like protein'
2 non-polymer 'COPPER (II) ION'
3 water water
#
_entity_poly.entity_id   1
_entity_poly.type   'polypeptide(L)'
_entity_poly.pdbx_seq_one_letter_code
;HGYVEKPESEFKDKISSEWIVQIDPQWKGDWDGAKGDEGLVALYKELKDSNNAKDIRTLLDSDTKLYGANCGYTNPDATP
EDPPTDGTATFSRGIVHAGPCEIWLDDKMVLQNDDCQSAYGDGTQETISVFKPVDYSSCASGGCMFRFYWLALQRLDGKT
YWQVYKNCIPLSGPAGLWSHPQFEK
;
_entity_poly.pdbx_strand_id   A,B
#
# COMPACT_ATOMS: atom_id res chain seq x y z
N HIS A 1 8.26 9.24 -6.01
CA HIS A 1 8.78 10.27 -5.08
C HIS A 1 9.60 11.27 -5.87
N GLY A 2 9.72 12.47 -5.26
CA GLY A 2 10.53 13.56 -5.77
C GLY A 2 9.71 14.82 -5.97
N TYR A 3 10.42 15.90 -6.26
CA TYR A 3 9.84 17.20 -6.48
C TYR A 3 10.63 17.84 -7.62
N VAL A 4 10.02 18.83 -8.27
CA VAL A 4 10.68 19.63 -9.29
C VAL A 4 11.80 20.45 -8.63
N GLU A 5 12.99 20.34 -9.22
CA GLU A 5 14.21 20.87 -8.64
C GLU A 5 14.65 22.09 -9.44
N LYS A 6 14.30 22.09 -10.74
CA LYS A 6 14.47 23.27 -11.57
C LYS A 6 13.20 23.48 -12.39
N PRO A 7 12.39 24.52 -12.14
CA PRO A 7 12.59 25.47 -11.04
C PRO A 7 12.58 24.81 -9.66
N GLU A 8 13.15 25.50 -8.68
CA GLU A 8 13.38 24.94 -7.36
C GLU A 8 12.10 25.04 -6.53
N SER A 9 11.52 23.87 -6.20
CA SER A 9 10.47 23.77 -5.21
C SER A 9 10.97 24.29 -3.84
N GLU A 10 10.12 25.03 -3.13
CA GLU A 10 10.37 25.49 -1.76
C GLU A 10 9.35 24.90 -0.79
N PHE A 11 9.78 24.70 0.47
CA PHE A 11 8.90 24.14 1.47
C PHE A 11 8.77 25.12 2.64
N LYS A 12 7.54 25.30 3.13
CA LYS A 12 7.28 26.13 4.31
C LYS A 12 7.91 25.48 5.53
N ASP A 13 7.82 24.15 5.58
CA ASP A 13 8.04 23.39 6.80
C ASP A 13 9.10 22.33 6.50
N LYS A 14 8.72 21.05 6.63
CA LYS A 14 9.62 19.94 6.40
C LYS A 14 9.82 19.78 4.89
N ILE A 15 11.04 19.35 4.51
CA ILE A 15 11.27 18.95 3.13
C ILE A 15 10.65 17.56 2.94
N SER A 16 9.86 17.39 1.88
CA SER A 16 9.32 16.07 1.61
C SER A 16 9.30 15.75 0.12
N SER A 17 9.71 14.54 -0.22
CA SER A 17 9.64 14.03 -1.58
C SER A 17 8.38 13.18 -1.77
N GLU A 18 7.54 13.09 -0.74
CA GLU A 18 6.38 12.20 -0.73
C GLU A 18 5.21 12.80 -1.52
N TRP A 19 4.32 11.89 -1.93
CA TRP A 19 2.98 12.20 -2.42
C TRP A 19 2.17 12.97 -1.36
N ILE A 20 1.17 13.73 -1.83
CA ILE A 20 0.33 14.51 -0.92
C ILE A 20 -0.80 13.61 -0.41
N VAL A 21 -1.31 12.74 -1.28
CA VAL A 21 -2.20 11.66 -0.85
C VAL A 21 -1.90 10.38 -1.62
N GLN A 22 -2.43 9.28 -1.10
N GLN A 22 -2.40 9.27 -1.08
CA GLN A 22 -2.37 7.97 -1.71
CA GLN A 22 -2.36 7.95 -1.70
C GLN A 22 -3.70 7.28 -1.44
C GLN A 22 -3.71 7.28 -1.44
N ILE A 23 -4.49 7.07 -2.51
CA ILE A 23 -5.90 6.75 -2.40
C ILE A 23 -6.25 5.61 -3.36
N ASP A 24 -7.48 5.11 -3.24
CA ASP A 24 -7.98 4.15 -4.21
C ASP A 24 -8.17 4.87 -5.54
N PRO A 25 -8.08 4.19 -6.69
CA PRO A 25 -8.41 4.83 -7.96
C PRO A 25 -9.83 5.37 -7.87
N GLN A 26 -10.05 6.58 -8.39
CA GLN A 26 -11.37 7.20 -8.31
C GLN A 26 -12.14 7.03 -9.62
N TRP A 27 -11.51 6.59 -10.71
CA TRP A 27 -12.23 6.21 -11.92
C TRP A 27 -12.47 4.69 -11.89
N LYS A 28 -13.75 4.31 -11.97
CA LYS A 28 -14.12 2.90 -11.79
C LYS A 28 -13.56 2.10 -12.96
N GLY A 29 -12.81 1.04 -12.64
CA GLY A 29 -12.35 0.13 -13.67
C GLY A 29 -11.62 -1.04 -13.04
N ASP A 30 -11.10 -1.90 -13.90
CA ASP A 30 -10.42 -3.12 -13.49
C ASP A 30 -8.93 -2.84 -13.28
N TRP A 31 -8.64 -2.02 -12.28
CA TRP A 31 -7.28 -1.57 -12.02
C TRP A 31 -6.37 -2.73 -11.61
N ASP A 32 -6.94 -3.66 -10.82
CA ASP A 32 -6.19 -4.78 -10.27
C ASP A 32 -5.89 -5.80 -11.36
N GLY A 33 -6.68 -5.83 -12.45
CA GLY A 33 -6.47 -6.81 -13.49
C GLY A 33 -5.44 -6.41 -14.55
N ALA A 34 -4.88 -5.19 -14.46
CA ALA A 34 -3.93 -4.73 -15.47
C ALA A 34 -2.56 -5.41 -15.33
N LYS A 35 -1.94 -5.73 -16.48
CA LYS A 35 -0.66 -6.43 -16.52
C LYS A 35 0.46 -5.40 -16.48
N GLY A 36 0.98 -5.11 -15.27
CA GLY A 36 2.20 -4.34 -15.06
C GLY A 36 2.04 -2.84 -15.36
N ASP A 37 3.19 -2.17 -15.47
CA ASP A 37 3.21 -0.74 -15.75
C ASP A 37 2.50 -0.46 -17.07
N GLU A 38 2.81 -1.20 -18.14
CA GLU A 38 2.18 -0.90 -19.42
C GLU A 38 0.66 -1.10 -19.34
N GLY A 39 0.21 -2.08 -18.53
CA GLY A 39 -1.22 -2.33 -18.38
C GLY A 39 -1.92 -1.20 -17.63
N LEU A 40 -1.30 -0.70 -16.57
CA LEU A 40 -1.86 0.40 -15.80
C LEU A 40 -1.98 1.63 -16.67
N VAL A 41 -0.93 1.91 -17.44
CA VAL A 41 -0.92 3.07 -18.33
C VAL A 41 -2.01 2.91 -19.39
N ALA A 42 -2.12 1.71 -19.96
CA ALA A 42 -3.08 1.48 -21.04
C ALA A 42 -4.49 1.67 -20.48
N LEU A 43 -4.71 1.20 -19.26
CA LEU A 43 -6.04 1.31 -18.68
C LEU A 43 -6.36 2.78 -18.40
N TYR A 44 -5.38 3.52 -17.85
CA TYR A 44 -5.48 4.94 -17.58
C TYR A 44 -5.96 5.66 -18.86
N LYS A 45 -5.30 5.35 -19.98
CA LYS A 45 -5.58 6.02 -21.25
C LYS A 45 -7.01 5.73 -21.67
N GLU A 46 -7.42 4.47 -21.48
CA GLU A 46 -8.78 4.04 -21.79
C GLU A 46 -9.78 4.75 -20.87
N LEU A 47 -9.48 4.91 -19.58
CA LEU A 47 -10.47 5.52 -18.68
C LEU A 47 -10.48 7.04 -18.85
N LYS A 48 -9.31 7.60 -19.17
CA LYS A 48 -9.23 9.02 -19.46
C LYS A 48 -10.24 9.33 -20.56
N ASP A 49 -10.15 8.59 -21.68
CA ASP A 49 -11.07 8.76 -22.81
C ASP A 49 -12.53 8.67 -22.37
N SER A 50 -12.92 7.59 -21.68
CA SER A 50 -14.35 7.37 -21.43
C SER A 50 -14.87 8.29 -20.32
N ASN A 51 -13.97 8.91 -19.54
CA ASN A 51 -14.40 9.94 -18.61
C ASN A 51 -14.39 11.31 -19.31
N ASN A 52 -13.89 11.39 -20.55
CA ASN A 52 -13.83 12.63 -21.33
C ASN A 52 -12.87 13.65 -20.71
N ALA A 53 -11.76 13.18 -20.14
CA ALA A 53 -10.83 14.04 -19.41
C ALA A 53 -9.71 14.44 -20.35
N LYS A 54 -9.40 15.75 -20.38
CA LYS A 54 -8.34 16.28 -21.23
C LYS A 54 -7.02 16.36 -20.47
N ASP A 55 -7.04 16.24 -19.13
CA ASP A 55 -5.82 16.46 -18.35
C ASP A 55 -6.05 16.03 -16.91
N ILE A 56 -5.00 15.92 -16.08
CA ILE A 56 -5.20 15.44 -14.72
C ILE A 56 -5.40 16.62 -13.76
N ARG A 57 -4.99 17.84 -14.18
CA ARG A 57 -5.11 19.00 -13.29
C ARG A 57 -6.57 19.21 -12.91
N THR A 58 -7.47 19.16 -13.91
CA THR A 58 -8.89 19.39 -13.66
C THR A 58 -9.40 18.45 -12.57
N LEU A 59 -9.05 17.15 -12.69
CA LEU A 59 -9.42 16.17 -11.69
C LEU A 59 -8.81 16.50 -10.33
N LEU A 60 -7.48 16.67 -10.30
CA LEU A 60 -6.74 16.77 -9.05
C LEU A 60 -7.04 18.07 -8.29
N ASP A 61 -7.48 19.11 -9.03
CA ASP A 61 -7.84 20.41 -8.47
C ASP A 61 -9.29 20.44 -7.97
N SER A 62 -10.08 19.41 -8.30
CA SER A 62 -11.52 19.49 -8.10
C SER A 62 -11.95 19.20 -6.64
N ASP A 63 -11.06 18.60 -5.82
CA ASP A 63 -11.37 18.25 -4.44
C ASP A 63 -10.04 18.05 -3.67
N THR A 64 -9.70 19.00 -2.80
CA THR A 64 -8.40 19.01 -2.14
C THR A 64 -8.40 18.07 -0.93
N LYS A 65 -9.60 17.64 -0.51
CA LYS A 65 -9.70 16.67 0.57
C LYS A 65 -9.44 15.26 0.05
N LEU A 66 -9.83 14.97 -1.18
CA LEU A 66 -9.63 13.65 -1.76
C LEU A 66 -8.29 13.58 -2.48
N TYR A 67 -7.89 14.69 -3.14
CA TYR A 67 -6.73 14.69 -4.02
C TYR A 67 -5.57 15.47 -3.40
N GLY A 68 -5.75 15.97 -2.17
CA GLY A 68 -4.67 16.60 -1.43
C GLY A 68 -4.63 18.14 -1.57
N ALA A 69 -3.96 18.78 -0.61
CA ALA A 69 -3.86 20.24 -0.59
C ALA A 69 -3.25 20.77 -1.89
N ASN A 70 -3.77 21.92 -2.37
CA ASN A 70 -3.12 22.73 -3.39
C ASN A 70 -1.62 22.82 -3.08
N CYS A 71 -0.77 22.48 -4.06
CA CYS A 71 0.68 22.65 -3.96
C CYS A 71 1.38 21.60 -3.10
N GLY A 72 0.62 20.64 -2.55
CA GLY A 72 1.20 19.56 -1.79
C GLY A 72 1.86 20.10 -0.53
N TYR A 73 3.15 19.78 -0.37
CA TYR A 73 3.96 20.30 0.73
C TYR A 73 4.76 21.55 0.33
N THR A 74 4.63 22.00 -0.93
CA THR A 74 5.46 23.10 -1.43
C THR A 74 4.79 24.45 -1.14
N ASN A 75 5.58 25.52 -1.25
CA ASN A 75 5.19 26.85 -0.79
C ASN A 75 4.99 27.79 -1.96
N PRO A 76 3.75 28.14 -2.33
CA PRO A 76 3.51 29.09 -3.40
C PRO A 76 3.83 30.55 -3.04
N ASP A 77 4.00 30.81 -1.73
CA ASP A 77 4.29 32.11 -1.19
C ASP A 77 5.79 32.40 -1.25
N ALA A 78 6.61 31.48 -1.77
CA ALA A 78 8.05 31.68 -1.73
C ALA A 78 8.42 32.86 -2.63
N THR A 79 9.61 33.41 -2.41
CA THR A 79 10.15 34.44 -3.28
C THR A 79 10.17 33.96 -4.72
N PRO A 80 9.55 34.66 -5.68
CA PRO A 80 9.55 34.17 -7.06
C PRO A 80 10.98 34.06 -7.58
N GLU A 81 11.21 33.12 -8.49
CA GLU A 81 12.52 32.90 -9.07
C GLU A 81 12.46 32.99 -10.57
N ASP A 82 13.65 33.24 -11.16
CA ASP A 82 13.81 33.40 -12.60
C ASP A 82 13.47 32.06 -13.27
N PRO A 83 12.70 32.07 -14.38
CA PRO A 83 12.43 30.83 -15.11
C PRO A 83 13.77 30.28 -15.58
N PRO A 84 13.87 28.95 -15.73
CA PRO A 84 14.98 28.36 -16.50
C PRO A 84 15.12 29.01 -17.87
N THR A 85 16.35 29.03 -18.36
CA THR A 85 16.66 29.68 -19.61
C THR A 85 16.83 28.66 -20.74
N ASP A 86 16.62 27.37 -20.48
CA ASP A 86 17.04 26.32 -21.42
C ASP A 86 15.86 25.48 -21.90
N GLY A 87 14.65 25.95 -21.61
CA GLY A 87 13.44 25.32 -22.12
C GLY A 87 13.18 23.96 -21.48
N THR A 88 13.61 23.74 -20.22
CA THR A 88 13.39 22.47 -19.54
C THR A 88 12.91 22.71 -18.11
N ALA A 89 12.37 21.65 -17.48
CA ALA A 89 12.25 21.56 -16.04
C ALA A 89 12.93 20.25 -15.64
N THR A 90 13.45 20.20 -14.42
CA THR A 90 14.26 19.07 -13.98
C THR A 90 13.67 18.55 -12.68
N PHE A 91 13.44 17.24 -12.60
CA PHE A 91 12.94 16.63 -11.38
C PHE A 91 14.13 16.40 -10.46
N SER A 92 13.85 16.11 -9.18
CA SER A 92 14.90 15.95 -8.18
C SER A 92 15.60 14.59 -8.30
N ARG A 93 15.01 13.71 -9.10
CA ARG A 93 15.57 12.39 -9.34
C ARG A 93 14.88 11.79 -10.56
N GLY A 94 15.12 10.49 -10.81
CA GLY A 94 14.40 9.79 -11.85
C GLY A 94 13.02 9.29 -11.39
N ILE A 95 12.00 9.48 -12.23
CA ILE A 95 10.68 8.95 -11.97
C ILE A 95 10.71 7.43 -12.11
N VAL A 96 10.22 6.71 -11.10
CA VAL A 96 10.23 5.26 -11.11
C VAL A 96 8.81 4.71 -10.89
N HIS A 97 7.76 5.51 -11.15
CA HIS A 97 6.39 5.03 -11.10
C HIS A 97 5.73 5.46 -12.40
N ALA A 98 4.88 4.60 -12.96
CA ALA A 98 4.14 4.93 -14.17
C ALA A 98 3.03 5.92 -13.85
N GLY A 99 2.53 6.59 -14.88
CA GLY A 99 1.35 7.43 -14.74
C GLY A 99 1.57 8.79 -15.37
N PRO A 100 0.47 9.53 -15.60
CA PRO A 100 0.55 10.83 -16.25
C PRO A 100 1.12 11.96 -15.40
N CYS A 101 1.78 12.91 -16.07
N CYS A 101 1.78 12.91 -16.08
CA CYS A 101 2.20 14.13 -15.40
CA CYS A 101 2.27 14.12 -15.45
C CYS A 101 2.01 15.30 -16.36
C CYS A 101 2.01 15.31 -16.37
N GLU A 102 2.03 16.49 -15.78
CA GLU A 102 1.64 17.74 -16.42
C GLU A 102 2.35 18.90 -15.76
N ILE A 103 2.72 19.90 -16.57
CA ILE A 103 3.21 21.18 -16.09
C ILE A 103 2.29 22.27 -16.65
N TRP A 104 1.88 23.17 -15.76
CA TRP A 104 1.14 24.37 -16.13
C TRP A 104 1.90 25.62 -15.68
N LEU A 105 1.79 26.66 -16.51
CA LEU A 105 2.22 28.01 -16.20
C LEU A 105 0.94 28.82 -16.17
N ASP A 106 0.51 29.17 -14.96
CA ASP A 106 -0.82 29.71 -14.70
C ASP A 106 -1.85 28.78 -15.35
N ASP A 107 -2.62 29.28 -16.32
CA ASP A 107 -3.72 28.51 -16.92
C ASP A 107 -3.28 27.87 -18.24
N LYS A 108 -1.97 27.84 -18.49
CA LYS A 108 -1.46 27.34 -19.74
C LYS A 108 -0.77 26.00 -19.50
N MET A 109 -1.26 24.95 -20.18
N MET A 109 -1.27 24.94 -20.15
CA MET A 109 -0.70 23.62 -20.05
CA MET A 109 -0.67 23.62 -20.00
C MET A 109 0.45 23.47 -21.05
C MET A 109 0.45 23.50 -21.03
N VAL A 110 1.68 23.52 -20.53
CA VAL A 110 2.86 23.62 -21.37
C VAL A 110 3.54 22.25 -21.56
N LEU A 111 3.16 21.23 -20.79
CA LEU A 111 3.75 19.93 -20.97
C LEU A 111 2.80 18.89 -20.40
N GLN A 112 2.62 17.79 -21.14
CA GLN A 112 1.67 16.76 -20.70
C GLN A 112 2.05 15.42 -21.31
N ASN A 113 1.96 14.34 -20.51
CA ASN A 113 2.23 13.01 -21.04
C ASN A 113 1.43 12.03 -20.20
N ASP A 114 0.99 10.95 -20.84
CA ASP A 114 0.28 9.88 -20.14
C ASP A 114 1.22 8.98 -19.32
N ASP A 115 2.53 9.03 -19.56
CA ASP A 115 3.43 8.21 -18.77
C ASP A 115 4.81 8.83 -18.72
N CYS A 116 5.04 9.64 -17.68
N CYS A 116 5.05 9.69 -17.72
CA CYS A 116 6.24 10.46 -17.65
CA CYS A 116 6.29 10.47 -17.72
C CYS A 116 7.48 9.62 -17.36
C CYS A 116 7.49 9.58 -17.40
N GLN A 117 7.24 8.44 -16.76
CA GLN A 117 8.30 7.47 -16.51
C GLN A 117 9.02 7.11 -17.82
N SER A 118 8.27 6.92 -18.91
CA SER A 118 8.87 6.53 -20.18
C SER A 118 9.23 7.77 -21.02
N ALA A 119 8.47 8.87 -20.92
CA ALA A 119 8.70 10.02 -21.80
C ALA A 119 9.94 10.84 -21.40
N TYR A 120 10.23 10.99 -20.10
CA TYR A 120 11.20 12.01 -19.67
C TYR A 120 12.37 11.39 -18.92
N GLY A 121 12.53 10.07 -19.04
CA GLY A 121 13.63 9.38 -18.39
C GLY A 121 13.67 7.92 -18.84
N ASP A 122 14.38 7.09 -18.06
CA ASP A 122 14.60 5.72 -18.47
C ASP A 122 14.06 4.76 -17.41
N GLY A 123 13.22 5.23 -16.49
CA GLY A 123 12.64 4.31 -15.52
C GLY A 123 13.60 3.97 -14.39
N THR A 124 14.81 4.53 -14.38
CA THR A 124 15.71 4.26 -13.26
C THR A 124 15.73 5.50 -12.35
N GLN A 125 16.14 5.31 -11.10
CA GLN A 125 16.10 6.43 -10.17
C GLN A 125 17.31 7.31 -10.40
N GLU A 126 18.41 6.67 -10.84
CA GLU A 126 19.68 7.30 -11.15
C GLU A 126 19.56 8.38 -12.22
N THR A 127 18.89 8.08 -13.35
CA THR A 127 18.79 9.03 -14.44
C THR A 127 17.79 10.13 -14.06
N ILE A 128 18.26 11.38 -13.92
CA ILE A 128 17.38 12.48 -13.58
C ILE A 128 16.32 12.63 -14.65
N SER A 129 15.05 12.77 -14.23
CA SER A 129 13.98 13.07 -15.19
C SER A 129 13.97 14.53 -15.61
N VAL A 130 13.94 14.77 -16.93
CA VAL A 130 14.03 16.10 -17.47
C VAL A 130 12.78 16.35 -18.32
N PHE A 131 11.96 17.31 -17.89
CA PHE A 131 10.71 17.61 -18.57
C PHE A 131 11.03 18.57 -19.69
N LYS A 132 10.83 18.11 -20.93
CA LYS A 132 11.15 19.02 -22.03
C LYS A 132 10.39 18.59 -23.27
N PRO A 133 10.06 19.51 -24.20
CA PRO A 133 10.35 20.94 -24.07
C PRO A 133 9.32 21.71 -23.22
N VAL A 134 9.76 22.80 -22.58
CA VAL A 134 8.89 23.71 -21.83
C VAL A 134 9.09 25.12 -22.35
N ASP A 135 8.02 25.74 -22.85
CA ASP A 135 8.00 27.13 -23.30
C ASP A 135 7.59 28.05 -22.14
N TYR A 136 8.53 28.85 -21.60
CA TYR A 136 8.23 29.74 -20.49
C TYR A 136 7.91 31.19 -20.93
N SER A 137 7.72 31.42 -22.23
CA SER A 137 7.53 32.76 -22.76
C SER A 137 6.35 33.49 -22.09
N SER A 138 5.30 32.79 -21.65
CA SER A 138 4.17 33.47 -21.04
C SER A 138 4.54 34.06 -19.68
N CYS A 139 5.71 33.70 -19.12
CA CYS A 139 6.11 34.15 -17.79
C CYS A 139 6.95 35.43 -17.82
N ALA A 140 7.56 35.73 -18.97
CA ALA A 140 8.53 36.81 -19.08
C ALA A 140 7.92 38.16 -18.68
N SER A 141 6.63 38.36 -18.95
CA SER A 141 5.91 39.57 -18.56
C SER A 141 5.98 39.78 -17.05
N GLY A 142 4.95 39.28 -16.36
CA GLY A 142 4.75 39.58 -14.95
C GLY A 142 4.82 38.32 -14.10
N GLY A 143 5.55 37.30 -14.61
CA GLY A 143 5.75 36.07 -13.90
C GLY A 143 4.57 35.11 -14.06
N CYS A 144 4.61 34.00 -13.32
CA CYS A 144 3.60 32.97 -13.40
C CYS A 144 3.83 32.02 -12.23
N MET A 145 2.80 31.22 -11.91
CA MET A 145 2.95 30.06 -11.03
C MET A 145 3.16 28.81 -11.87
N PHE A 146 4.28 28.13 -11.60
CA PHE A 146 4.61 26.85 -12.17
C PHE A 146 3.93 25.79 -11.29
N ARG A 147 3.08 24.96 -11.90
N ARG A 147 3.10 24.94 -11.89
CA ARG A 147 2.39 23.89 -11.19
CA ARG A 147 2.39 23.90 -11.16
C ARG A 147 2.77 22.59 -11.87
C ARG A 147 2.66 22.58 -11.84
N PHE A 148 3.12 21.59 -11.05
CA PHE A 148 3.40 20.25 -11.53
C PHE A 148 2.39 19.29 -10.88
N TYR A 149 1.85 18.42 -11.71
CA TYR A 149 0.90 17.41 -11.28
C TYR A 149 1.44 16.06 -11.72
N TRP A 150 1.32 15.04 -10.87
CA TRP A 150 1.73 13.71 -11.28
C TRP A 150 0.87 12.69 -10.56
N LEU A 151 0.28 11.79 -11.35
CA LEU A 151 -0.55 10.72 -10.82
C LEU A 151 0.17 9.40 -11.02
N ALA A 152 0.80 8.89 -9.96
CA ALA A 152 1.54 7.64 -10.04
C ALA A 152 0.56 6.50 -9.80
N LEU A 153 0.66 5.46 -10.62
CA LEU A 153 -0.21 4.29 -10.59
C LEU A 153 0.61 3.16 -9.98
N GLN A 154 0.20 2.73 -8.80
CA GLN A 154 1.02 1.92 -7.94
C GLN A 154 0.31 0.62 -7.56
N ARG A 155 1.07 -0.40 -7.18
CA ARG A 155 0.49 -1.66 -6.75
C ARG A 155 1.13 -2.09 -5.43
N LEU A 156 0.28 -2.50 -4.48
CA LEU A 156 0.71 -3.17 -3.26
C LEU A 156 -0.06 -4.49 -3.16
N ASP A 157 0.69 -5.60 -3.24
N ASP A 157 0.67 -5.57 -3.41
CA ASP A 157 0.17 -6.96 -3.22
CA ASP A 157 0.14 -6.89 -3.15
C ASP A 157 -1.14 -7.04 -3.98
C ASP A 157 -1.13 -7.09 -3.98
N GLY A 158 -1.07 -6.74 -5.28
CA GLY A 158 -2.18 -6.93 -6.18
C GLY A 158 -3.17 -5.76 -6.24
N LYS A 159 -3.15 -4.86 -5.26
CA LYS A 159 -4.15 -3.80 -5.21
C LYS A 159 -3.51 -2.53 -5.77
N THR A 160 -4.23 -1.86 -6.69
CA THR A 160 -3.77 -0.64 -7.32
C THR A 160 -4.14 0.59 -6.49
N TYR A 161 -3.20 1.53 -6.38
CA TYR A 161 -3.41 2.82 -5.74
C TYR A 161 -3.00 3.94 -6.69
N TRP A 162 -3.66 5.07 -6.51
CA TRP A 162 -3.23 6.34 -7.05
C TRP A 162 -2.46 7.12 -6.00
N GLN A 163 -1.26 7.57 -6.39
CA GLN A 163 -0.49 8.51 -5.58
C GLN A 163 -0.53 9.86 -6.28
N VAL A 164 -0.82 10.92 -5.52
CA VAL A 164 -0.88 12.24 -6.09
C VAL A 164 0.29 13.07 -5.60
N TYR A 165 1.01 13.61 -6.59
CA TYR A 165 2.10 14.53 -6.31
C TYR A 165 1.70 15.88 -6.87
N LYS A 166 1.91 16.93 -6.08
CA LYS A 166 1.67 18.31 -6.51
C LYS A 166 2.81 19.21 -6.07
N ASN A 167 3.30 20.04 -7.00
CA ASN A 167 4.29 21.06 -6.66
C ASN A 167 3.86 22.39 -7.27
N CYS A 168 4.06 23.48 -6.53
CA CYS A 168 3.90 24.83 -7.08
C CYS A 168 5.19 25.61 -6.84
N ILE A 169 5.64 26.34 -7.86
CA ILE A 169 6.80 27.20 -7.74
C ILE A 169 6.55 28.54 -8.43
N PRO A 170 6.62 29.68 -7.69
CA PRO A 170 6.43 31.01 -8.29
C PRO A 170 7.66 31.44 -9.08
N LEU A 171 7.42 31.97 -10.29
CA LEU A 171 8.46 32.48 -11.18
C LEU A 171 8.24 33.98 -11.39
N SER A 172 9.31 34.76 -11.53
CA SER A 172 9.22 36.20 -11.78
C SER A 172 9.21 36.52 -13.29
N HIS B 1 -1.64 -12.78 1.35
CA HIS B 1 -3.04 -13.15 1.05
C HIS B 1 -3.25 -14.63 1.37
N GLY B 2 -4.52 -15.02 1.51
CA GLY B 2 -4.92 -16.39 1.77
C GLY B 2 -5.76 -16.54 3.04
N TYR B 3 -6.22 -17.77 3.27
CA TYR B 3 -7.08 -18.09 4.40
C TYR B 3 -6.75 -19.54 4.76
N VAL B 4 -7.08 -19.90 6.00
CA VAL B 4 -6.97 -21.28 6.48
C VAL B 4 -7.93 -22.16 5.67
N GLU B 5 -7.36 -23.21 5.09
CA GLU B 5 -8.05 -24.13 4.21
C GLU B 5 -8.38 -25.42 4.96
N LYS B 6 -7.52 -25.83 5.91
CA LYS B 6 -7.82 -26.97 6.77
C LYS B 6 -7.42 -26.63 8.21
N PRO B 7 -8.38 -26.45 9.12
CA PRO B 7 -9.82 -26.52 8.82
C PRO B 7 -10.32 -25.46 7.84
N GLU B 8 -11.47 -25.74 7.24
CA GLU B 8 -11.96 -24.99 6.11
C GLU B 8 -12.69 -23.74 6.58
N SER B 9 -12.11 -22.56 6.25
CA SER B 9 -12.76 -21.28 6.44
C SER B 9 -14.06 -21.26 5.62
N GLU B 10 -15.15 -20.78 6.24
CA GLU B 10 -16.38 -20.45 5.54
C GLU B 10 -16.55 -18.92 5.49
N PHE B 11 -16.99 -18.42 4.34
CA PHE B 11 -17.08 -16.98 4.15
C PHE B 11 -18.52 -16.52 4.37
N LYS B 12 -18.66 -15.33 5.00
CA LYS B 12 -19.98 -14.77 5.26
C LYS B 12 -20.71 -14.54 3.94
N ASP B 13 -20.01 -13.97 2.96
CA ASP B 13 -20.59 -13.72 1.66
C ASP B 13 -19.52 -13.90 0.57
N LYS B 14 -18.86 -12.82 0.17
CA LYS B 14 -17.87 -12.94 -0.89
C LYS B 14 -16.69 -13.76 -0.36
N ILE B 15 -16.14 -14.66 -1.19
CA ILE B 15 -14.91 -15.37 -0.84
C ILE B 15 -13.75 -14.40 -1.07
N SER B 16 -12.81 -14.32 -0.13
CA SER B 16 -11.75 -13.33 -0.20
C SER B 16 -10.48 -13.83 0.47
N SER B 17 -9.36 -13.66 -0.20
CA SER B 17 -8.06 -14.01 0.39
C SER B 17 -7.45 -12.76 1.03
N GLU B 18 -8.18 -11.65 0.97
CA GLU B 18 -7.66 -10.36 1.36
C GLU B 18 -7.60 -10.22 2.88
N TRP B 19 -6.72 -9.31 3.34
CA TRP B 19 -6.67 -8.77 4.70
C TRP B 19 -7.99 -8.08 5.07
N ILE B 20 -8.28 -8.04 6.39
CA ILE B 20 -9.46 -7.35 6.87
C ILE B 20 -9.18 -5.86 6.91
N VAL B 21 -7.98 -5.45 7.35
CA VAL B 21 -7.56 -4.06 7.28
C VAL B 21 -6.09 -3.96 6.88
N GLN B 22 -5.72 -2.75 6.45
CA GLN B 22 -4.36 -2.41 6.08
C GLN B 22 -4.11 -0.98 6.55
N ILE B 23 -3.16 -0.82 7.47
CA ILE B 23 -3.06 0.38 8.30
C ILE B 23 -1.59 0.75 8.53
N ASP B 24 -1.35 1.97 9.01
CA ASP B 24 -0.03 2.37 9.47
C ASP B 24 0.37 1.51 10.66
N PRO B 25 1.65 1.20 10.85
CA PRO B 25 2.09 0.52 12.07
C PRO B 25 1.59 1.31 13.28
N GLN B 26 1.01 0.63 14.27
CA GLN B 26 0.48 1.31 15.43
C GLN B 26 1.46 1.31 16.59
N TRP B 27 2.58 0.56 16.49
CA TRP B 27 3.68 0.71 17.44
C TRP B 27 4.73 1.66 16.88
N LYS B 28 5.06 2.71 17.65
CA LYS B 28 5.99 3.72 17.20
C LYS B 28 7.38 3.10 17.07
N GLY B 29 8.04 3.40 15.97
CA GLY B 29 9.38 2.91 15.72
C GLY B 29 9.75 3.16 14.27
N ASP B 30 10.99 2.81 13.92
CA ASP B 30 11.61 3.19 12.66
C ASP B 30 11.28 2.12 11.62
N TRP B 31 9.99 2.02 11.32
CA TRP B 31 9.52 0.95 10.44
C TRP B 31 10.03 1.14 9.01
N ASP B 32 10.09 2.39 8.54
CA ASP B 32 10.49 2.70 7.16
C ASP B 32 11.99 2.50 7.01
N GLY B 33 12.74 2.54 8.10
CA GLY B 33 14.19 2.38 8.05
C GLY B 33 14.68 0.93 8.09
N ALA B 34 13.77 -0.04 8.29
CA ALA B 34 14.21 -1.43 8.43
C ALA B 34 14.60 -2.00 7.06
N LYS B 35 15.66 -2.82 7.06
CA LYS B 35 16.28 -3.33 5.85
C LYS B 35 15.59 -4.64 5.46
N GLY B 36 14.59 -4.57 4.57
CA GLY B 36 13.92 -5.73 4.00
C GLY B 36 13.05 -6.52 4.99
N ASP B 37 12.62 -7.71 4.55
CA ASP B 37 11.84 -8.62 5.37
C ASP B 37 12.59 -8.96 6.66
N GLU B 38 13.89 -9.30 6.58
CA GLU B 38 14.68 -9.62 7.77
C GLU B 38 14.63 -8.47 8.78
N GLY B 39 14.81 -7.24 8.29
CA GLY B 39 14.76 -6.05 9.10
C GLY B 39 13.38 -5.80 9.70
N LEU B 40 12.31 -5.96 8.92
CA LEU B 40 10.96 -5.81 9.44
C LEU B 40 10.70 -6.81 10.57
N VAL B 41 11.11 -8.06 10.37
CA VAL B 41 10.91 -9.05 11.41
C VAL B 41 11.72 -8.69 12.67
N ALA B 42 12.99 -8.30 12.48
CA ALA B 42 13.84 -7.96 13.60
C ALA B 42 13.23 -6.79 14.38
N LEU B 43 12.60 -5.85 13.68
CA LEU B 43 12.05 -4.68 14.34
C LEU B 43 10.80 -5.07 15.12
N TYR B 44 9.93 -5.89 14.51
CA TYR B 44 8.77 -6.43 15.21
C TYR B 44 9.19 -7.03 16.55
N LYS B 45 10.20 -7.92 16.56
CA LYS B 45 10.62 -8.59 17.78
C LYS B 45 11.05 -7.61 18.86
N GLU B 46 11.75 -6.53 18.48
CA GLU B 46 12.17 -5.52 19.44
C GLU B 46 10.98 -4.81 20.10
N LEU B 47 10.00 -4.41 19.28
CA LEU B 47 8.88 -3.61 19.75
C LEU B 47 7.87 -4.50 20.46
N LYS B 48 7.84 -5.79 20.08
CA LYS B 48 7.10 -6.78 20.84
C LYS B 48 7.63 -6.79 22.28
N ASP B 49 8.96 -6.86 22.44
CA ASP B 49 9.56 -6.92 23.77
C ASP B 49 9.28 -5.64 24.56
N SER B 50 9.48 -4.46 23.96
CA SER B 50 9.34 -3.21 24.68
C SER B 50 7.87 -2.86 24.94
N ASN B 51 6.94 -3.28 24.08
CA ASN B 51 5.52 -3.09 24.33
C ASN B 51 4.98 -4.20 25.26
N ASN B 52 5.85 -5.13 25.71
CA ASN B 52 5.50 -6.21 26.63
C ASN B 52 4.37 -7.09 26.12
N ALA B 53 4.33 -7.34 24.79
CA ALA B 53 3.24 -8.07 24.17
C ALA B 53 3.61 -9.55 24.11
N LYS B 54 2.72 -10.45 24.56
CA LYS B 54 2.96 -11.89 24.54
C LYS B 54 2.43 -12.51 23.25
N ASP B 55 1.52 -11.81 22.55
CA ASP B 55 0.93 -12.32 21.33
C ASP B 55 0.32 -11.18 20.51
N ILE B 56 -0.12 -11.46 19.29
CA ILE B 56 -0.76 -10.43 18.49
C ILE B 56 -2.27 -10.41 18.68
N ARG B 57 -2.87 -11.50 19.18
CA ARG B 57 -4.31 -11.59 19.36
C ARG B 57 -4.79 -10.52 20.33
N THR B 58 -4.04 -10.29 21.43
CA THR B 58 -4.51 -9.34 22.41
C THR B 58 -4.67 -7.97 21.74
N LEU B 59 -3.65 -7.56 20.99
CA LEU B 59 -3.64 -6.29 20.29
C LEU B 59 -4.72 -6.25 19.21
N LEU B 60 -4.80 -7.32 18.40
CA LEU B 60 -5.71 -7.30 17.27
C LEU B 60 -7.17 -7.41 17.71
N ASP B 61 -7.44 -7.90 18.94
CA ASP B 61 -8.80 -8.04 19.44
C ASP B 61 -9.21 -6.78 20.21
N SER B 62 -8.26 -5.91 20.54
CA SER B 62 -8.52 -4.79 21.43
C SER B 62 -9.37 -3.69 20.77
N ASP B 63 -9.34 -3.58 19.44
CA ASP B 63 -10.06 -2.54 18.72
C ASP B 63 -10.42 -3.05 17.32
N THR B 64 -11.68 -3.44 17.14
CA THR B 64 -12.10 -4.08 15.90
C THR B 64 -12.47 -3.06 14.83
N LYS B 65 -12.40 -1.75 15.12
CA LYS B 65 -12.43 -0.76 14.05
C LYS B 65 -11.03 -0.66 13.43
N LEU B 66 -10.03 -0.46 14.27
CA LEU B 66 -8.67 -0.28 13.80
C LEU B 66 -8.11 -1.55 13.15
N TYR B 67 -8.36 -2.70 13.80
CA TYR B 67 -7.72 -3.96 13.45
C TYR B 67 -8.68 -4.90 12.74
N GLY B 68 -9.88 -4.39 12.40
CA GLY B 68 -10.83 -5.06 11.55
C GLY B 68 -11.77 -5.92 12.38
N ALA B 69 -12.92 -6.23 11.80
CA ALA B 69 -13.96 -7.04 12.43
C ALA B 69 -13.42 -8.39 12.89
N ASN B 70 -13.91 -8.87 14.04
CA ASN B 70 -13.63 -10.22 14.50
C ASN B 70 -13.89 -11.17 13.33
N CYS B 71 -12.97 -12.09 13.12
CA CYS B 71 -13.18 -13.18 12.17
C CYS B 71 -13.02 -12.73 10.73
N GLY B 72 -12.66 -11.47 10.50
CA GLY B 72 -12.43 -11.03 9.15
C GLY B 72 -13.68 -11.17 8.30
N TYR B 73 -13.54 -11.89 7.18
CA TYR B 73 -14.61 -12.16 6.24
C TYR B 73 -15.21 -13.54 6.48
N THR B 74 -14.74 -14.27 7.49
CA THR B 74 -15.17 -15.64 7.75
C THR B 74 -16.36 -15.66 8.69
N ASN B 75 -17.05 -16.82 8.74
CA ASN B 75 -18.26 -17.01 9.49
C ASN B 75 -17.97 -17.93 10.67
N PRO B 76 -17.88 -17.44 11.93
CA PRO B 76 -17.67 -18.31 13.09
C PRO B 76 -18.88 -19.20 13.43
N ASP B 77 -20.06 -18.88 12.86
CA ASP B 77 -21.29 -19.64 13.08
C ASP B 77 -21.61 -20.61 11.94
N ALA B 78 -20.60 -21.01 11.13
CA ALA B 78 -20.70 -22.12 10.20
C ALA B 78 -20.92 -23.44 10.94
N THR B 79 -21.42 -24.44 10.20
CA THR B 79 -21.55 -25.80 10.72
C THR B 79 -20.18 -26.23 11.25
N PRO B 80 -20.02 -26.65 12.52
CA PRO B 80 -18.71 -27.06 13.02
C PRO B 80 -18.18 -28.26 12.26
N GLU B 81 -16.86 -28.34 12.08
CA GLU B 81 -16.30 -29.49 11.40
C GLU B 81 -15.29 -30.17 12.30
N ASP B 82 -15.00 -31.41 11.91
CA ASP B 82 -14.10 -32.27 12.66
C ASP B 82 -12.72 -31.64 12.56
N PRO B 83 -11.98 -31.53 13.68
CA PRO B 83 -10.62 -31.02 13.61
C PRO B 83 -9.79 -31.94 12.72
N PRO B 84 -8.70 -31.46 12.08
CA PRO B 84 -7.75 -32.34 11.41
C PRO B 84 -7.23 -33.42 12.36
N THR B 85 -6.82 -34.55 11.76
CA THR B 85 -6.42 -35.73 12.50
C THR B 85 -4.90 -35.88 12.51
N ASP B 86 -4.16 -34.92 11.96
CA ASP B 86 -2.76 -35.11 11.65
C ASP B 86 -1.86 -34.08 12.32
N GLY B 87 -2.41 -33.29 13.25
CA GLY B 87 -1.65 -32.33 14.04
C GLY B 87 -1.22 -31.10 13.25
N THR B 88 -1.97 -30.72 12.20
CA THR B 88 -1.58 -29.63 11.32
C THR B 88 -2.80 -28.77 10.99
N ALA B 89 -2.51 -27.54 10.54
CA ALA B 89 -3.46 -26.73 9.80
C ALA B 89 -2.82 -26.32 8.47
N THR B 90 -3.64 -26.10 7.44
CA THR B 90 -3.14 -25.79 6.11
C THR B 90 -3.71 -24.46 5.62
N PHE B 91 -2.81 -23.60 5.13
CA PHE B 91 -3.19 -22.35 4.51
C PHE B 91 -3.63 -22.64 3.08
N SER B 92 -4.37 -21.71 2.47
CA SER B 92 -4.90 -21.89 1.12
C SER B 92 -3.81 -21.75 0.05
N ARG B 93 -2.65 -21.25 0.45
CA ARG B 93 -1.54 -21.07 -0.47
C ARG B 93 -0.26 -20.89 0.36
N GLY B 94 0.86 -20.61 -0.31
CA GLY B 94 2.07 -20.23 0.39
C GLY B 94 2.04 -18.77 0.88
N ILE B 95 2.47 -18.58 2.11
CA ILE B 95 2.66 -17.27 2.69
C ILE B 95 3.86 -16.58 2.03
N VAL B 96 3.62 -15.35 1.56
CA VAL B 96 4.66 -14.58 0.89
C VAL B 96 4.79 -13.19 1.49
N HIS B 97 4.35 -12.96 2.75
CA HIS B 97 4.66 -11.73 3.46
C HIS B 97 5.26 -12.10 4.81
N ALA B 98 6.29 -11.37 5.22
CA ALA B 98 6.89 -11.52 6.54
C ALA B 98 5.91 -11.10 7.64
N GLY B 99 6.15 -11.59 8.86
CA GLY B 99 5.42 -11.11 10.03
C GLY B 99 4.82 -12.25 10.84
N PRO B 100 4.38 -11.96 12.07
CA PRO B 100 3.91 -12.98 13.00
C PRO B 100 2.51 -13.53 12.72
N CYS B 101 2.31 -14.79 13.10
N CYS B 101 2.31 -14.79 13.10
CA CYS B 101 1.00 -15.41 13.06
CA CYS B 101 0.98 -15.38 13.08
C CYS B 101 0.84 -16.34 14.27
C CYS B 101 0.84 -16.35 14.25
N GLU B 102 -0.42 -16.68 14.55
CA GLU B 102 -0.71 -17.54 15.68
C GLU B 102 -2.07 -18.17 15.47
N ILE B 103 -2.24 -19.30 16.18
CA ILE B 103 -3.46 -20.10 16.15
C ILE B 103 -3.93 -20.28 17.59
N TRP B 104 -5.21 -19.96 17.81
CA TRP B 104 -5.84 -20.18 19.10
C TRP B 104 -7.00 -21.15 18.91
N LEU B 105 -7.16 -22.05 19.90
CA LEU B 105 -8.35 -22.88 20.08
C LEU B 105 -9.03 -22.38 21.37
N ASP B 106 -10.19 -21.69 21.23
CA ASP B 106 -10.74 -20.85 22.29
C ASP B 106 -9.60 -19.97 22.86
N ASP B 107 -9.40 -19.98 24.19
CA ASP B 107 -8.43 -19.13 24.86
C ASP B 107 -7.08 -19.83 24.95
N LYS B 108 -6.84 -20.89 24.19
CA LYS B 108 -5.57 -21.59 24.29
C LYS B 108 -4.79 -21.27 23.02
N MET B 109 -3.58 -20.72 23.17
N MET B 109 -3.58 -20.72 23.17
CA MET B 109 -2.73 -20.44 22.04
CA MET B 109 -2.73 -20.44 22.04
C MET B 109 -1.89 -21.69 21.74
C MET B 109 -1.89 -21.69 21.74
N VAL B 110 -2.14 -22.27 20.56
CA VAL B 110 -1.54 -23.57 20.26
C VAL B 110 -0.46 -23.50 19.21
N LEU B 111 -0.29 -22.32 18.59
CA LEU B 111 0.85 -22.12 17.72
C LEU B 111 1.13 -20.63 17.60
N GLN B 112 2.44 -20.29 17.63
CA GLN B 112 2.84 -18.91 17.41
C GLN B 112 4.23 -18.83 16.79
N ASN B 113 4.40 -17.89 15.83
CA ASN B 113 5.71 -17.59 15.27
C ASN B 113 5.77 -16.09 14.94
N ASP B 114 6.93 -15.51 15.19
CA ASP B 114 7.22 -14.13 14.82
C ASP B 114 7.33 -13.96 13.30
N ASP B 115 7.61 -15.03 12.53
CA ASP B 115 7.76 -14.94 11.09
C ASP B 115 7.24 -16.19 10.39
N CYS B 116 5.93 -16.23 10.10
N CYS B 116 5.91 -16.16 10.15
CA CYS B 116 5.35 -17.46 9.59
CA CYS B 116 5.14 -17.21 9.52
C CYS B 116 5.76 -17.72 8.13
C CYS B 116 5.75 -17.66 8.20
N GLN B 117 6.18 -16.68 7.41
CA GLN B 117 6.73 -16.86 6.08
C GLN B 117 7.90 -17.84 6.10
N SER B 118 8.81 -17.76 7.09
CA SER B 118 9.95 -18.69 7.11
C SER B 118 9.67 -19.98 7.90
N ALA B 119 8.81 -19.92 8.91
CA ALA B 119 8.60 -21.08 9.78
C ALA B 119 7.80 -22.20 9.10
N TYR B 120 6.80 -21.83 8.29
CA TYR B 120 5.79 -22.80 7.87
C TYR B 120 5.75 -22.95 6.35
N GLY B 121 6.82 -22.58 5.66
CA GLY B 121 6.92 -22.76 4.22
C GLY B 121 8.22 -22.15 3.68
N ASP B 122 8.27 -21.86 2.38
CA ASP B 122 9.56 -21.53 1.76
C ASP B 122 9.55 -20.13 1.15
N GLY B 123 8.50 -19.35 1.42
CA GLY B 123 8.43 -17.98 0.94
C GLY B 123 7.90 -17.87 -0.48
N THR B 124 7.59 -19.00 -1.15
CA THR B 124 6.96 -18.98 -2.47
C THR B 124 5.45 -19.19 -2.33
N GLN B 125 4.67 -18.61 -3.24
CA GLN B 125 3.22 -18.76 -3.21
C GLN B 125 2.81 -20.18 -3.58
N GLU B 126 3.63 -20.86 -4.40
CA GLU B 126 3.29 -22.17 -4.93
C GLU B 126 3.33 -23.22 -3.81
N THR B 127 4.32 -23.15 -2.93
CA THR B 127 4.41 -24.12 -1.83
C THR B 127 3.38 -23.82 -0.74
N ILE B 128 2.46 -24.76 -0.50
CA ILE B 128 1.38 -24.53 0.44
C ILE B 128 1.97 -24.43 1.86
N SER B 129 1.52 -23.40 2.60
CA SER B 129 1.95 -23.20 3.98
C SER B 129 1.20 -24.13 4.93
N VAL B 130 1.96 -24.79 5.80
CA VAL B 130 1.42 -25.81 6.68
C VAL B 130 1.87 -25.50 8.10
N PHE B 131 0.90 -25.10 8.93
CA PHE B 131 1.13 -24.73 10.32
C PHE B 131 1.21 -26.01 11.13
N LYS B 132 2.35 -26.22 11.78
CA LYS B 132 2.48 -27.44 12.55
C LYS B 132 3.64 -27.22 13.52
N PRO B 133 3.67 -27.91 14.68
CA PRO B 133 2.58 -28.77 15.15
C PRO B 133 1.40 -28.06 15.80
N VAL B 134 0.19 -28.64 15.71
CA VAL B 134 -1.00 -28.12 16.37
C VAL B 134 -1.71 -29.22 17.14
N ASP B 135 -1.92 -29.00 18.43
CA ASP B 135 -2.54 -29.95 19.33
C ASP B 135 -4.02 -29.55 19.46
N TYR B 136 -4.90 -30.40 18.92
CA TYR B 136 -6.34 -30.16 18.95
C TYR B 136 -7.07 -30.90 20.09
N SER B 137 -6.33 -31.48 21.04
CA SER B 137 -6.91 -32.25 22.14
C SER B 137 -7.94 -31.48 22.98
N SER B 138 -7.78 -30.16 23.16
CA SER B 138 -8.75 -29.35 23.89
C SER B 138 -10.13 -29.27 23.19
N CYS B 139 -10.24 -29.72 21.93
N CYS B 139 -10.24 -29.73 21.94
CA CYS B 139 -11.48 -29.63 21.18
CA CYS B 139 -11.49 -29.63 21.21
C CYS B 139 -12.35 -30.87 21.39
C CYS B 139 -12.37 -30.86 21.44
N ALA B 140 -11.77 -31.95 21.91
CA ALA B 140 -12.50 -33.21 22.07
C ALA B 140 -13.79 -33.04 22.86
N SER B 141 -13.72 -32.38 24.02
CA SER B 141 -14.90 -32.12 24.83
C SER B 141 -15.50 -30.76 24.46
N GLY B 142 -16.61 -30.80 23.70
CA GLY B 142 -17.47 -29.66 23.48
C GLY B 142 -17.00 -28.74 22.34
N GLY B 143 -16.11 -29.23 21.47
CA GLY B 143 -15.64 -28.41 20.36
C GLY B 143 -14.82 -27.21 20.82
N CYS B 144 -14.47 -26.33 19.87
N CYS B 144 -14.62 -26.28 19.89
CA CYS B 144 -13.62 -25.18 20.14
CA CYS B 144 -13.71 -25.18 20.10
C CYS B 144 -13.74 -24.26 18.92
C CYS B 144 -13.82 -24.24 18.91
N MET B 145 -13.49 -22.96 19.10
CA MET B 145 -13.37 -22.02 17.99
C MET B 145 -11.89 -21.94 17.63
N PHE B 146 -11.58 -22.26 16.37
CA PHE B 146 -10.25 -22.10 15.81
C PHE B 146 -10.12 -20.68 15.30
N ARG B 147 -9.08 -19.95 15.77
N ARG B 147 -9.07 -19.97 15.76
CA ARG B 147 -8.85 -18.59 15.31
CA ARG B 147 -8.83 -18.60 15.31
C ARG B 147 -7.44 -18.49 14.75
C ARG B 147 -7.43 -18.49 14.75
N PHE B 148 -7.34 -17.82 13.59
CA PHE B 148 -6.07 -17.56 12.96
C PHE B 148 -5.92 -16.06 12.89
N TYR B 149 -4.74 -15.61 13.31
CA TYR B 149 -4.35 -14.23 13.18
C TYR B 149 -2.99 -14.14 12.50
N TRP B 150 -2.84 -13.10 11.68
CA TRP B 150 -1.61 -12.86 10.94
C TRP B 150 -1.46 -11.37 10.72
N LEU B 151 -0.30 -10.88 11.15
CA LEU B 151 0.05 -9.48 10.90
C LEU B 151 1.19 -9.46 9.88
N ALA B 152 0.87 -9.10 8.64
CA ALA B 152 1.86 -9.09 7.59
C ALA B 152 2.50 -7.68 7.54
N LEU B 153 3.81 -7.64 7.33
CA LEU B 153 4.59 -6.42 7.36
C LEU B 153 5.04 -6.12 5.93
N GLN B 154 4.52 -5.02 5.38
CA GLN B 154 4.56 -4.77 3.95
C GLN B 154 5.21 -3.42 3.66
N ARG B 155 5.79 -3.28 2.46
CA ARG B 155 6.31 -2.00 2.00
C ARG B 155 5.62 -1.58 0.71
N LEU B 156 5.35 -0.28 0.57
CA LEU B 156 4.95 0.33 -0.70
C LEU B 156 5.71 1.63 -0.83
N ASP B 157 6.71 1.62 -1.73
CA ASP B 157 7.64 2.72 -1.96
C ASP B 157 8.22 3.26 -0.67
N GLY B 158 8.92 2.42 0.09
CA GLY B 158 9.61 2.87 1.29
C GLY B 158 8.68 3.11 2.47
N LYS B 159 7.37 2.94 2.29
CA LYS B 159 6.51 3.13 3.44
C LYS B 159 6.01 1.75 3.90
N THR B 160 6.12 1.49 5.22
CA THR B 160 5.72 0.24 5.84
C THR B 160 4.23 0.29 6.22
N TYR B 161 3.56 -0.85 6.06
CA TYR B 161 2.19 -1.00 6.53
C TYR B 161 2.06 -2.35 7.26
N TRP B 162 1.04 -2.40 8.12
CA TRP B 162 0.54 -3.64 8.68
C TRP B 162 -0.72 -4.08 7.96
N GLN B 163 -0.75 -5.33 7.47
CA GLN B 163 -1.95 -5.96 6.98
C GLN B 163 -2.37 -6.98 8.02
N VAL B 164 -3.64 -6.91 8.37
CA VAL B 164 -4.24 -7.76 9.38
C VAL B 164 -5.09 -8.81 8.69
N TYR B 165 -4.82 -10.09 8.99
CA TYR B 165 -5.62 -11.18 8.50
C TYR B 165 -6.24 -11.88 9.70
N LYS B 166 -7.53 -12.24 9.60
CA LYS B 166 -8.25 -12.95 10.64
C LYS B 166 -9.22 -13.97 10.04
N ASN B 167 -9.18 -15.20 10.61
CA ASN B 167 -10.08 -16.27 10.22
C ASN B 167 -10.61 -16.93 11.49
N CYS B 168 -11.89 -17.30 11.50
CA CYS B 168 -12.43 -18.14 12.56
C CYS B 168 -13.10 -19.34 11.93
N ILE B 169 -12.83 -20.52 12.50
CA ILE B 169 -13.51 -21.74 12.10
C ILE B 169 -13.96 -22.55 13.32
N PRO B 170 -15.27 -22.88 13.41
CA PRO B 170 -15.78 -23.68 14.52
C PRO B 170 -15.48 -25.15 14.29
N LEU B 171 -14.95 -25.80 15.33
CA LEU B 171 -14.62 -27.22 15.25
C LEU B 171 -15.50 -28.01 16.24
N SER B 172 -15.88 -29.24 15.88
CA SER B 172 -16.74 -30.02 16.76
C SER B 172 -15.91 -30.93 17.67
N GLY B 173 -16.53 -31.31 18.81
CA GLY B 173 -16.06 -32.38 19.67
C GLY B 173 -16.48 -33.75 19.15
N PRO B 174 -16.16 -34.86 19.85
CA PRO B 174 -17.10 -36.00 19.97
C PRO B 174 -18.30 -35.68 20.90
#